data_3UE3
#
_entry.id   3UE3
#
_cell.length_a   39.657
_cell.length_b   89.707
_cell.length_c   211.920
_cell.angle_alpha   90.00
_cell.angle_beta   90.00
_cell.angle_gamma   90.00
#
_symmetry.space_group_name_H-M   'P 21 21 21'
#
loop_
_entity.id
_entity.type
_entity.pdbx_description
1 polymer 'Septum formation, penicillin binding protein 3, peptidoglycan synthetase'
2 water water
#
_entity_poly.entity_id   1
_entity_poly.type   'polypeptide(L)'
_entity_poly.pdbx_seq_one_letter_code
;MSHHHHHHANILRTERLEAMRGVISDRHGVPLAISTPIMKIVIDPRDYWDAKTQFDEITAELKKDPNNRRLRRQLPNKNL
NLDELADVVGMDRKTLKKHMTDRARSRYLVLQREVPPQQADLILQHNFQGVYTEKSYKRYYPQPQPNAQIIGLTNSEGRG
IEGLEMQLNTRLAGVDGEQKIIRDKKGNRLKVSEVIKEVESGENITLSIDSRLQYIMYRELTAAGVANNARSATAIAVDV
KTGEILAMTSWPSYNPNDKGGLSNKDAMRNRGAIDMFEPGSTMKPFTVAAALESGQYTPNSIVNTAPGTMRLGWHTIRDT
HNYGALTLTGIIVKSSNVGSAKLALSLPKEALPSFFRRAGFGQSSDVKFPGESAGLLYSADKLNSSQLGTMAYGYGLNAT
ILQLAQGYAMLANHGVEMPLSLHKLDQVPEGRQVLDPKIADQVLMMLEQVTLPGGTAKQAVIPGYRVGGKTGTAHKLRAD
RKGYSNSEYRALFAGVAPVSDPRLAMIVVVENPQGRYYGGLVAAPVFAKIMQESLRLLNVPLDKPLDTSIKTNP
;
_entity_poly.pdbx_strand_id   A
#
# COMPACT_ATOMS: atom_id res chain seq x y z
N THR A 14 6.43 -31.02 -40.85
CA THR A 14 6.53 -30.64 -39.44
C THR A 14 5.70 -29.39 -39.03
N GLU A 15 5.03 -29.46 -37.86
CA GLU A 15 4.19 -28.38 -37.31
C GLU A 15 4.41 -28.15 -35.80
N ARG A 16 4.28 -26.90 -35.35
CA ARG A 16 4.46 -26.56 -33.95
C ARG A 16 3.27 -26.96 -33.08
N LEU A 17 3.54 -27.29 -31.81
CA LEU A 17 2.54 -27.65 -30.81
C LEU A 17 2.58 -26.54 -29.74
N GLU A 18 1.63 -25.57 -29.81
CA GLU A 18 1.56 -24.43 -28.90
C GLU A 18 1.33 -24.87 -27.44
N ALA A 19 2.20 -24.40 -26.52
CA ALA A 19 2.10 -24.73 -25.09
C ALA A 19 0.98 -23.95 -24.45
N MET A 20 0.12 -24.64 -23.68
CA MET A 20 -0.96 -23.95 -22.97
C MET A 20 -0.31 -23.07 -21.87
N ARG A 21 -0.61 -21.75 -21.89
CA ARG A 21 -0.09 -20.80 -20.94
C ARG A 21 -0.70 -21.11 -19.55
N GLY A 22 0.13 -21.00 -18.52
CA GLY A 22 -0.24 -21.31 -17.15
C GLY A 22 -1.39 -20.49 -16.59
N VAL A 23 -2.10 -21.08 -15.61
CA VAL A 23 -3.21 -20.42 -14.95
C VAL A 23 -2.68 -19.56 -13.82
N ILE A 24 -3.12 -18.29 -13.75
CA ILE A 24 -2.78 -17.42 -12.62
C ILE A 24 -4.02 -17.45 -11.75
N SER A 25 -3.89 -17.93 -10.52
CA SER A 25 -5.07 -17.97 -9.64
C SER A 25 -4.84 -17.24 -8.33
N ASP A 26 -5.92 -16.98 -7.58
CA ASP A 26 -5.86 -16.35 -6.25
C ASP A 26 -5.49 -17.42 -5.21
N ARG A 27 -5.31 -17.03 -3.94
CA ARG A 27 -4.96 -17.91 -2.80
C ARG A 27 -5.85 -19.16 -2.55
N HIS A 28 -7.14 -19.10 -2.95
CA HIS A 28 -8.12 -20.17 -2.80
C HIS A 28 -8.38 -20.97 -4.09
N GLY A 29 -7.58 -20.70 -5.12
CA GLY A 29 -7.64 -21.38 -6.40
C GLY A 29 -8.62 -20.82 -7.41
N VAL A 30 -9.17 -19.62 -7.17
CA VAL A 30 -10.11 -18.94 -8.07
C VAL A 30 -9.32 -18.48 -9.30
N PRO A 31 -9.71 -18.90 -10.53
CA PRO A 31 -8.94 -18.48 -11.71
C PRO A 31 -9.01 -16.98 -11.99
N LEU A 32 -7.84 -16.36 -12.20
CA LEU A 32 -7.70 -14.92 -12.46
C LEU A 32 -7.22 -14.64 -13.88
N ALA A 33 -6.48 -15.59 -14.47
CA ALA A 33 -5.99 -15.55 -15.84
C ALA A 33 -5.95 -16.99 -16.34
N ILE A 34 -6.80 -17.29 -17.33
CA ILE A 34 -6.94 -18.63 -17.93
C ILE A 34 -6.75 -18.62 -19.45
N SER A 35 -6.38 -19.78 -20.02
CA SER A 35 -6.21 -19.96 -21.46
C SER A 35 -7.19 -21.00 -22.00
N THR A 36 -7.88 -20.66 -23.10
CA THR A 36 -8.86 -21.54 -23.74
C THR A 36 -8.47 -21.92 -25.20
N PRO A 37 -8.57 -23.22 -25.58
CA PRO A 37 -8.20 -23.62 -26.96
C PRO A 37 -9.00 -22.94 -28.06
N ILE A 38 -8.29 -22.41 -29.07
CA ILE A 38 -8.85 -21.69 -30.21
C ILE A 38 -8.30 -22.25 -31.54
N MET A 39 -9.19 -22.41 -32.55
CA MET A 39 -8.83 -22.99 -33.84
C MET A 39 -8.81 -22.04 -35.02
N LYS A 40 -7.80 -22.21 -35.88
CA LYS A 40 -7.59 -21.46 -37.12
C LYS A 40 -7.82 -22.43 -38.29
N ILE A 41 -8.93 -22.27 -39.02
CA ILE A 41 -9.29 -23.14 -40.16
C ILE A 41 -8.43 -22.76 -41.38
N VAL A 131 -7.67 -28.76 -46.70
CA VAL A 131 -7.76 -27.82 -45.59
C VAL A 131 -7.35 -28.45 -44.25
N TYR A 132 -6.79 -27.64 -43.34
CA TYR A 132 -6.33 -28.08 -42.01
C TYR A 132 -6.63 -27.05 -40.92
N THR A 133 -6.46 -27.47 -39.64
CA THR A 133 -6.69 -26.63 -38.46
C THR A 133 -5.38 -26.29 -37.74
N GLU A 134 -5.36 -25.16 -37.00
CA GLU A 134 -4.23 -24.71 -36.19
C GLU A 134 -4.76 -24.36 -34.82
N LYS A 135 -4.22 -25.02 -33.79
CA LYS A 135 -4.63 -24.83 -32.40
C LYS A 135 -3.71 -23.83 -31.70
N SER A 136 -4.32 -22.75 -31.21
CA SER A 136 -3.69 -21.70 -30.42
C SER A 136 -4.53 -21.47 -29.14
N TYR A 137 -4.03 -20.66 -28.20
CA TYR A 137 -4.74 -20.39 -26.96
C TYR A 137 -5.09 -18.91 -26.78
N LYS A 138 -6.31 -18.65 -26.25
CA LYS A 138 -6.83 -17.31 -26.00
C LYS A 138 -6.87 -17.03 -24.49
N ARG A 139 -6.19 -15.95 -24.04
CA ARG A 139 -6.14 -15.50 -22.65
C ARG A 139 -7.47 -14.83 -22.28
N TYR A 140 -8.02 -15.19 -21.11
CA TYR A 140 -9.26 -14.64 -20.59
C TYR A 140 -9.09 -14.27 -19.12
N TYR A 141 -9.63 -13.11 -18.71
CA TYR A 141 -9.52 -12.65 -17.33
C TYR A 141 -10.91 -12.62 -16.64
N PRO A 142 -11.22 -13.64 -15.79
CA PRO A 142 -12.55 -13.73 -15.18
C PRO A 142 -12.97 -12.65 -14.17
N GLN A 143 -12.02 -12.08 -13.40
CA GLN A 143 -12.30 -10.98 -12.44
C GLN A 143 -11.52 -9.73 -12.99
N PRO A 144 -11.98 -9.09 -14.11
CA PRO A 144 -11.13 -8.12 -14.83
C PRO A 144 -10.54 -6.88 -14.18
N GLN A 145 -11.38 -5.86 -13.98
CA GLN A 145 -11.03 -4.57 -13.41
C GLN A 145 -10.31 -4.67 -12.03
N PRO A 146 -10.78 -5.44 -11.02
CA PRO A 146 -10.05 -5.45 -9.74
C PRO A 146 -8.62 -5.99 -9.78
N ASN A 147 -8.33 -6.93 -10.69
CA ASN A 147 -7.02 -7.58 -10.79
C ASN A 147 -6.06 -7.17 -11.91
N ALA A 148 -6.57 -6.42 -12.91
CA ALA A 148 -5.88 -5.95 -14.12
C ALA A 148 -4.52 -5.28 -13.94
N GLN A 149 -4.39 -4.36 -12.95
CA GLN A 149 -3.13 -3.64 -12.74
C GLN A 149 -1.98 -4.50 -12.24
N ILE A 150 -2.31 -5.58 -11.50
CA ILE A 150 -1.36 -6.56 -10.95
C ILE A 150 -1.09 -7.68 -11.96
N ILE A 151 -2.14 -8.24 -12.58
CA ILE A 151 -2.03 -9.34 -13.54
C ILE A 151 -1.41 -8.94 -14.87
N GLY A 152 -1.79 -7.77 -15.35
CA GLY A 152 -1.28 -7.25 -16.62
C GLY A 152 -2.02 -7.80 -17.81
N LEU A 153 -1.33 -7.87 -18.98
CA LEU A 153 -1.89 -8.28 -20.26
C LEU A 153 -0.89 -9.04 -21.16
N THR A 154 -1.40 -9.83 -22.12
CA THR A 154 -0.60 -10.53 -23.12
C THR A 154 -0.70 -9.87 -24.51
N ASN A 155 0.21 -10.27 -25.42
CA ASN A 155 0.32 -9.86 -26.83
C ASN A 155 -0.72 -10.64 -27.63
N SER A 156 -0.75 -10.41 -28.96
CA SER A 156 -1.57 -11.18 -29.90
C SER A 156 -0.86 -12.55 -30.05
N GLU A 157 0.48 -12.54 -29.88
CA GLU A 157 1.39 -13.70 -29.95
C GLU A 157 1.32 -14.55 -28.68
N GLY A 158 0.78 -13.99 -27.60
CA GLY A 158 0.62 -14.67 -26.32
C GLY A 158 1.62 -14.31 -25.24
N ARG A 159 2.53 -13.35 -25.53
CA ARG A 159 3.56 -12.90 -24.59
C ARG A 159 3.04 -11.81 -23.65
N GLY A 160 3.42 -11.92 -22.38
CA GLY A 160 3.09 -10.94 -21.35
C GLY A 160 3.76 -9.61 -21.66
N ILE A 161 2.94 -8.54 -21.72
CA ILE A 161 3.40 -7.18 -22.05
C ILE A 161 3.23 -6.16 -20.89
N GLU A 162 2.56 -6.59 -19.80
CA GLU A 162 2.32 -5.77 -18.61
C GLU A 162 2.15 -6.66 -17.39
N GLY A 163 2.37 -6.08 -16.20
CA GLY A 163 2.21 -6.71 -14.89
C GLY A 163 2.88 -8.05 -14.70
N LEU A 164 2.19 -8.97 -14.00
CA LEU A 164 2.67 -10.32 -13.72
C LEU A 164 2.75 -11.23 -14.94
N GLU A 165 1.94 -10.94 -15.97
CA GLU A 165 1.97 -11.68 -17.23
C GLU A 165 3.35 -11.47 -17.85
N MET A 166 3.88 -10.24 -17.76
CA MET A 166 5.20 -9.86 -18.26
C MET A 166 6.27 -10.42 -17.35
N GLN A 167 6.28 -10.01 -16.07
CA GLN A 167 7.27 -10.42 -15.08
C GLN A 167 7.53 -11.94 -15.08
N LEU A 168 6.47 -12.75 -14.91
CA LEU A 168 6.54 -14.22 -14.85
C LEU A 168 6.27 -14.90 -16.21
N ASN A 169 6.63 -14.25 -17.32
CA ASN A 169 6.39 -14.80 -18.66
C ASN A 169 7.11 -16.12 -18.97
N THR A 170 8.37 -16.28 -18.56
CA THR A 170 9.12 -17.52 -18.85
C THR A 170 8.49 -18.71 -18.13
N ARG A 171 8.10 -18.55 -16.87
CA ARG A 171 7.46 -19.61 -16.09
C ARG A 171 6.06 -19.94 -16.63
N LEU A 172 5.27 -18.91 -16.98
CA LEU A 172 3.90 -19.04 -17.50
C LEU A 172 3.79 -19.53 -18.96
N ALA A 173 4.75 -19.19 -19.84
CA ALA A 173 4.70 -19.57 -21.25
C ALA A 173 4.95 -21.05 -21.53
N GLY A 174 5.86 -21.65 -20.78
CA GLY A 174 6.23 -23.04 -20.98
C GLY A 174 7.06 -23.21 -22.24
N VAL A 175 7.12 -24.45 -22.77
CA VAL A 175 7.92 -24.74 -23.96
C VAL A 175 7.05 -25.38 -25.07
N ASP A 176 7.12 -24.80 -26.28
CA ASP A 176 6.39 -25.31 -27.45
C ASP A 176 6.98 -26.63 -27.91
N GLY A 177 6.11 -27.52 -28.35
CA GLY A 177 6.48 -28.83 -28.89
C GLY A 177 6.57 -28.83 -30.41
N GLU A 178 7.04 -29.96 -30.98
CA GLU A 178 7.21 -30.18 -32.42
C GLU A 178 6.61 -31.53 -32.82
N GLN A 179 5.84 -31.56 -33.92
CA GLN A 179 5.17 -32.77 -34.42
C GLN A 179 5.27 -32.84 -35.93
N LYS A 180 5.60 -34.04 -36.46
CA LYS A 180 5.71 -34.33 -37.89
C LYS A 180 4.31 -34.36 -38.54
N ILE A 181 4.21 -33.84 -39.78
CA ILE A 181 2.95 -33.78 -40.53
C ILE A 181 2.63 -35.14 -41.18
N LYS A 191 -2.52 -36.89 -42.53
CA LYS A 191 -2.09 -37.92 -41.59
C LYS A 191 -1.88 -37.44 -40.11
N VAL A 192 -1.79 -38.42 -39.15
CA VAL A 192 -1.58 -38.26 -37.69
C VAL A 192 -0.75 -39.46 -37.13
N SER A 193 0.11 -39.32 -36.08
CA SER A 193 0.57 -38.17 -35.28
C SER A 193 1.86 -38.62 -34.56
N GLU A 194 3.02 -37.97 -34.86
CA GLU A 194 4.30 -38.34 -34.23
C GLU A 194 5.14 -37.14 -33.77
N VAL A 195 5.43 -37.07 -32.44
CA VAL A 195 6.18 -35.96 -31.84
C VAL A 195 7.71 -36.00 -31.99
N ILE A 196 8.30 -34.84 -32.34
CA ILE A 196 9.74 -34.61 -32.45
C ILE A 196 10.22 -34.11 -31.07
N LYS A 197 9.48 -33.16 -30.49
CA LYS A 197 9.74 -32.59 -29.15
C LYS A 197 8.41 -32.47 -28.41
N GLU A 198 8.33 -33.09 -27.23
CA GLU A 198 7.14 -33.08 -26.39
C GLU A 198 6.75 -31.67 -25.96
N VAL A 199 5.44 -31.43 -25.75
CA VAL A 199 4.92 -30.14 -25.30
C VAL A 199 5.06 -30.04 -23.79
N GLU A 200 5.36 -28.83 -23.29
CA GLU A 200 5.50 -28.54 -21.86
C GLU A 200 4.59 -27.37 -21.51
N SER A 201 3.49 -27.65 -20.78
CA SER A 201 2.55 -26.61 -20.34
C SER A 201 3.23 -25.62 -19.40
N GLY A 202 2.75 -24.38 -19.42
CA GLY A 202 3.25 -23.31 -18.56
C GLY A 202 2.91 -23.58 -17.11
N GLU A 203 3.72 -23.03 -16.19
CA GLU A 203 3.57 -23.22 -14.76
C GLU A 203 2.36 -22.45 -14.22
N ASN A 204 1.51 -23.13 -13.45
CA ASN A 204 0.36 -22.54 -12.77
C ASN A 204 0.85 -21.72 -11.56
N ILE A 205 0.40 -20.46 -11.44
CA ILE A 205 0.81 -19.54 -10.37
C ILE A 205 -0.33 -19.14 -9.42
N THR A 206 -0.14 -19.41 -8.11
CA THR A 206 -1.10 -19.06 -7.06
C THR A 206 -0.63 -17.81 -6.34
N LEU A 207 -1.42 -16.74 -6.41
CA LEU A 207 -1.09 -15.47 -5.77
C LEU A 207 -1.57 -15.41 -4.32
N SER A 208 -1.01 -14.45 -3.55
CA SER A 208 -1.34 -14.20 -2.15
C SER A 208 -2.71 -13.53 -2.05
N ILE A 209 -3.14 -12.88 -3.13
CA ILE A 209 -4.38 -12.14 -3.33
C ILE A 209 -5.60 -13.01 -3.08
N ASP A 210 -6.62 -12.45 -2.37
CA ASP A 210 -7.92 -13.07 -2.12
C ASP A 210 -8.87 -12.31 -3.04
N SER A 211 -9.33 -12.93 -4.14
CA SER A 211 -10.24 -12.28 -5.10
C SER A 211 -11.50 -11.61 -4.46
N ARG A 212 -12.01 -12.15 -3.33
CA ARG A 212 -13.17 -11.57 -2.62
C ARG A 212 -12.80 -10.24 -2.00
N LEU A 213 -11.61 -10.16 -1.35
CA LEU A 213 -11.08 -8.93 -0.74
C LEU A 213 -10.76 -7.91 -1.83
N GLN A 214 -10.22 -8.42 -2.97
CA GLN A 214 -9.94 -7.63 -4.16
C GLN A 214 -11.22 -6.98 -4.73
N TYR A 215 -12.31 -7.76 -4.90
CA TYR A 215 -13.61 -7.30 -5.37
C TYR A 215 -14.17 -6.18 -4.46
N ILE A 216 -14.14 -6.39 -3.14
CA ILE A 216 -14.61 -5.47 -2.11
C ILE A 216 -13.82 -4.14 -2.13
N MET A 217 -12.46 -4.24 -2.22
CA MET A 217 -11.57 -3.08 -2.29
C MET A 217 -11.86 -2.25 -3.53
N TYR A 218 -11.95 -2.90 -4.73
CA TYR A 218 -12.22 -2.18 -5.97
C TYR A 218 -13.58 -1.49 -5.99
N ARG A 219 -14.64 -2.17 -5.46
CA ARG A 219 -15.99 -1.67 -5.40
C ARG A 219 -16.08 -0.38 -4.58
N GLU A 220 -15.41 -0.34 -3.41
CA GLU A 220 -15.38 0.82 -2.50
C GLU A 220 -14.49 1.95 -3.01
N LEU A 221 -13.38 1.60 -3.69
CA LEU A 221 -12.45 2.55 -4.30
C LEU A 221 -13.17 3.34 -5.41
N THR A 222 -14.08 2.67 -6.15
CA THR A 222 -14.93 3.30 -7.18
C THR A 222 -15.95 4.23 -6.51
N ALA A 223 -16.63 3.73 -5.45
CA ALA A 223 -17.62 4.51 -4.70
C ALA A 223 -16.95 5.80 -4.15
N ALA A 224 -15.76 5.69 -3.52
CA ALA A 224 -15.00 6.83 -3.00
C ALA A 224 -14.54 7.78 -4.10
N GLY A 225 -14.07 7.24 -5.22
CA GLY A 225 -13.63 8.03 -6.36
C GLY A 225 -14.75 8.81 -7.03
N VAL A 226 -15.95 8.17 -7.15
CA VAL A 226 -17.13 8.80 -7.75
C VAL A 226 -17.68 9.90 -6.79
N ALA A 227 -17.82 9.59 -5.47
CA ALA A 227 -18.31 10.53 -4.44
C ALA A 227 -17.43 11.73 -4.24
N ASN A 228 -16.13 11.54 -4.39
CA ASN A 228 -15.16 12.61 -4.19
C ASN A 228 -14.73 13.33 -5.45
N ASN A 229 -15.32 12.96 -6.63
CA ASN A 229 -14.93 13.46 -7.96
C ASN A 229 -13.38 13.52 -8.01
N ALA A 230 -12.74 12.41 -7.58
CA ALA A 230 -11.29 12.28 -7.45
C ALA A 230 -10.64 11.89 -8.77
N ARG A 231 -9.32 12.04 -8.85
CA ARG A 231 -8.57 11.67 -10.04
C ARG A 231 -8.27 10.17 -10.00
N SER A 232 -8.12 9.60 -8.79
CA SER A 232 -7.85 8.18 -8.53
C SER A 232 -8.00 7.87 -7.04
N ALA A 233 -8.14 6.58 -6.72
CA ALA A 233 -8.31 6.07 -5.35
C ALA A 233 -7.64 4.71 -5.35
N THR A 234 -6.59 4.57 -4.53
CA THR A 234 -5.78 3.37 -4.49
C THR A 234 -5.72 2.82 -3.08
N ALA A 235 -5.64 1.47 -2.93
CA ALA A 235 -5.49 0.86 -1.61
C ALA A 235 -4.68 -0.44 -1.64
N ILE A 236 -4.29 -0.91 -0.44
CA ILE A 236 -3.54 -2.16 -0.24
C ILE A 236 -3.91 -2.71 1.11
N ALA A 237 -4.01 -4.06 1.20
CA ALA A 237 -4.30 -4.76 2.45
C ALA A 237 -3.26 -5.84 2.54
N VAL A 238 -2.66 -5.94 3.72
CA VAL A 238 -1.59 -6.88 3.97
C VAL A 238 -1.89 -7.62 5.27
N ASP A 239 -1.58 -8.94 5.29
CA ASP A 239 -1.64 -9.85 6.44
C ASP A 239 -0.34 -9.51 7.19
N VAL A 240 -0.44 -8.82 8.35
CA VAL A 240 0.72 -8.32 9.11
C VAL A 240 1.62 -9.43 9.67
N LYS A 241 1.03 -10.62 9.86
CA LYS A 241 1.69 -11.79 10.43
C LYS A 241 2.49 -12.56 9.39
N THR A 242 2.11 -12.45 8.08
CA THR A 242 2.72 -13.23 6.99
C THR A 242 3.41 -12.41 5.90
N GLY A 243 3.05 -11.13 5.76
CA GLY A 243 3.59 -10.25 4.74
C GLY A 243 2.90 -10.36 3.38
N GLU A 244 1.89 -11.22 3.27
CA GLU A 244 1.08 -11.46 2.06
C GLU A 244 0.15 -10.27 1.73
N ILE A 245 0.15 -9.86 0.46
CA ILE A 245 -0.73 -8.81 -0.02
C ILE A 245 -2.07 -9.50 -0.37
N LEU A 246 -3.14 -9.21 0.38
CA LEU A 246 -4.45 -9.84 0.15
C LEU A 246 -5.33 -9.08 -0.83
N ALA A 247 -5.05 -7.78 -1.02
CA ALA A 247 -5.78 -6.89 -1.93
C ALA A 247 -4.91 -5.69 -2.25
N MET A 248 -4.86 -5.31 -3.51
CA MET A 248 -4.08 -4.19 -4.03
C MET A 248 -4.72 -3.85 -5.36
N THR A 249 -5.39 -2.68 -5.40
CA THR A 249 -6.12 -2.21 -6.56
C THR A 249 -6.22 -0.66 -6.62
N SER A 250 -6.62 -0.13 -7.78
CA SER A 250 -6.69 1.29 -7.99
C SER A 250 -7.87 1.61 -8.88
N TRP A 251 -8.55 2.71 -8.60
CA TRP A 251 -9.63 3.18 -9.44
C TRP A 251 -9.10 4.47 -10.05
N PRO A 252 -9.21 4.70 -11.36
CA PRO A 252 -9.85 3.84 -12.37
C PRO A 252 -8.95 2.69 -12.83
N SER A 253 -9.55 1.55 -13.15
CA SER A 253 -8.85 0.40 -13.69
C SER A 253 -9.33 0.24 -15.15
N TYR A 254 -9.19 -0.95 -15.75
CA TYR A 254 -9.61 -1.17 -17.14
C TYR A 254 -9.97 -2.64 -17.34
N ASN A 255 -10.66 -2.95 -18.44
CA ASN A 255 -10.99 -4.32 -18.78
C ASN A 255 -9.97 -4.87 -19.81
N PRO A 256 -9.07 -5.81 -19.40
CA PRO A 256 -8.06 -6.34 -20.35
C PRO A 256 -8.62 -7.29 -21.40
N ASN A 257 -9.86 -7.80 -21.22
CA ASN A 257 -10.51 -8.68 -22.17
C ASN A 257 -10.95 -7.92 -23.44
N ASP A 258 -11.18 -6.59 -23.32
CA ASP A 258 -11.59 -5.69 -24.42
C ASP A 258 -10.37 -5.17 -25.20
N LYS A 259 -10.42 -5.25 -26.56
CA LYS A 259 -9.33 -4.83 -27.44
C LYS A 259 -9.26 -3.35 -27.87
N GLY A 260 -10.40 -2.66 -27.89
CA GLY A 260 -10.50 -1.27 -28.33
C GLY A 260 -10.31 -0.19 -27.28
N GLY A 261 -10.24 1.06 -27.77
CA GLY A 261 -10.10 2.29 -26.98
C GLY A 261 -8.82 2.42 -26.17
N LEU A 262 -8.92 2.12 -24.85
CA LEU A 262 -7.85 2.13 -23.84
C LEU A 262 -7.25 3.49 -23.44
N SER A 263 -6.74 3.54 -22.20
CA SER A 263 -6.06 4.68 -21.59
C SER A 263 -4.93 4.17 -20.68
N ASN A 264 -3.69 4.22 -21.18
CA ASN A 264 -2.48 3.76 -20.47
C ASN A 264 -2.09 4.73 -19.38
N LYS A 265 -2.20 6.05 -19.70
CA LYS A 265 -1.90 7.26 -18.91
C LYS A 265 -2.24 7.19 -17.40
N ASP A 266 -3.21 6.34 -17.03
CA ASP A 266 -3.63 6.20 -15.64
C ASP A 266 -4.04 4.78 -15.26
N ALA A 267 -4.91 4.15 -16.07
CA ALA A 267 -5.55 2.87 -15.77
C ALA A 267 -4.78 1.56 -15.88
N MET A 268 -3.74 1.48 -16.71
CA MET A 268 -3.03 0.24 -17.05
C MET A 268 -2.18 -0.64 -16.07
N ARG A 269 -1.28 -0.20 -15.15
CA ARG A 269 -0.77 1.01 -14.51
C ARG A 269 -1.03 0.94 -12.99
N ASN A 270 -0.20 0.13 -12.30
CA ASN A 270 -0.24 -0.13 -10.86
C ASN A 270 0.28 1.11 -10.14
N ARG A 271 -0.65 2.05 -9.84
CA ARG A 271 -0.38 3.34 -9.18
C ARG A 271 0.26 3.18 -7.81
N GLY A 272 -0.24 2.22 -7.03
CA GLY A 272 0.28 1.90 -5.71
C GLY A 272 1.78 1.62 -5.67
N ALA A 273 2.27 0.86 -6.68
CA ALA A 273 3.67 0.51 -6.78
C ALA A 273 4.48 1.61 -7.42
N ILE A 274 3.95 2.33 -8.41
CA ILE A 274 4.72 3.35 -9.12
C ILE A 274 4.66 4.79 -8.55
N ASP A 275 3.53 5.20 -7.96
CA ASP A 275 3.39 6.56 -7.40
C ASP A 275 4.10 6.71 -6.06
N MET A 276 4.89 7.78 -5.94
CA MET A 276 5.53 8.17 -4.69
C MET A 276 4.96 9.55 -4.29
N PHE A 277 4.87 9.83 -3.00
CA PHE A 277 4.32 11.08 -2.48
C PHE A 277 4.88 11.33 -1.07
N GLU A 278 4.73 12.56 -0.57
CA GLU A 278 5.15 12.94 0.78
C GLU A 278 4.16 12.31 1.77
N PRO A 279 4.65 11.43 2.67
CA PRO A 279 3.74 10.72 3.60
C PRO A 279 2.90 11.58 4.54
N GLY A 280 3.39 12.79 4.86
CA GLY A 280 2.72 13.71 5.78
C GLY A 280 2.62 13.12 7.17
N SER A 281 1.48 13.30 7.84
CA SER A 281 1.23 12.74 9.17
C SER A 281 1.31 11.21 9.29
N THR A 282 1.28 10.47 8.17
CA THR A 282 1.43 9.02 8.22
C THR A 282 2.84 8.62 8.76
N MET A 283 3.85 9.58 8.69
CA MET A 283 5.22 9.43 9.17
C MET A 283 5.32 9.61 10.68
N LYS A 284 4.47 10.45 11.27
CA LYS A 284 4.51 10.73 12.70
C LYS A 284 4.73 9.50 13.60
N PRO A 285 4.02 8.33 13.44
CA PRO A 285 4.30 7.18 14.32
C PRO A 285 5.73 6.63 14.25
N PHE A 286 6.43 6.81 13.11
CA PHE A 286 7.84 6.38 12.95
C PHE A 286 8.82 7.34 13.63
N THR A 287 8.52 8.65 13.60
CA THR A 287 9.27 9.74 14.26
C THR A 287 9.28 9.46 15.77
N VAL A 288 8.08 9.18 16.34
CA VAL A 288 7.84 8.87 17.76
C VAL A 288 8.52 7.54 18.12
N ALA A 289 8.45 6.54 17.24
CA ALA A 289 9.17 5.26 17.46
C ALA A 289 10.70 5.51 17.55
N ALA A 290 11.26 6.45 16.72
CA ALA A 290 12.70 6.81 16.78
C ALA A 290 13.08 7.52 18.09
N ALA A 291 12.18 8.34 18.62
CA ALA A 291 12.34 9.10 19.86
C ALA A 291 12.25 8.17 21.06
N LEU A 292 11.39 7.13 20.99
CA LEU A 292 11.24 6.16 22.07
C LEU A 292 12.50 5.30 22.18
N GLU A 293 13.02 4.82 21.03
CA GLU A 293 14.24 4.00 21.04
C GLU A 293 15.53 4.68 21.47
N SER A 294 15.59 6.02 21.38
CA SER A 294 16.73 6.83 21.79
C SER A 294 16.93 6.81 23.30
N GLY A 295 15.88 6.40 24.04
CA GLY A 295 15.87 6.36 25.49
C GLY A 295 15.80 7.74 26.11
N GLN A 296 15.53 8.76 25.28
CA GLN A 296 15.40 10.14 25.72
C GLN A 296 13.95 10.38 26.11
N TYR A 297 13.03 9.51 25.61
CA TYR A 297 11.59 9.70 25.85
C TYR A 297 10.84 8.46 26.22
N THR A 298 9.70 8.69 26.80
CA THR A 298 8.71 7.71 27.25
C THR A 298 7.36 8.19 26.63
N PRO A 299 6.32 7.33 26.50
CA PRO A 299 5.05 7.81 25.90
C PRO A 299 4.42 9.00 26.63
N ASN A 300 4.64 9.06 27.94
CA ASN A 300 4.13 10.11 28.82
C ASN A 300 5.00 11.37 28.89
N SER A 301 6.24 11.33 28.28
CA SER A 301 7.17 12.47 28.24
C SER A 301 6.49 13.70 27.61
N ILE A 302 6.72 14.89 28.19
CA ILE A 302 6.08 16.14 27.72
C ILE A 302 6.94 17.01 26.78
N VAL A 303 6.28 17.56 25.74
CA VAL A 303 6.86 18.52 24.79
C VAL A 303 5.93 19.75 24.64
N ASN A 304 6.47 20.95 24.89
CA ASN A 304 5.71 22.21 24.78
C ASN A 304 5.50 22.58 23.30
N THR A 305 4.23 22.69 22.87
CA THR A 305 3.86 23.02 21.48
C THR A 305 3.24 24.44 21.36
N ALA A 306 3.13 25.17 22.50
CA ALA A 306 2.62 26.55 22.58
C ALA A 306 3.46 27.52 21.74
N PRO A 307 2.87 28.50 21.01
CA PRO A 307 1.43 28.84 20.90
C PRO A 307 0.69 28.14 19.75
N GLY A 308 1.22 26.99 19.32
CA GLY A 308 0.67 26.21 18.21
C GLY A 308 1.43 26.44 16.93
N THR A 309 2.54 27.22 17.03
CA THR A 309 3.47 27.57 15.95
C THR A 309 4.92 27.40 16.39
N MET A 310 5.87 27.37 15.44
CA MET A 310 7.29 27.15 15.67
C MET A 310 8.09 27.56 14.42
N ARG A 311 9.30 28.13 14.63
CA ARG A 311 10.15 28.48 13.51
C ARG A 311 11.33 27.54 13.22
N LEU A 312 11.39 27.09 11.96
CA LEU A 312 12.45 26.24 11.44
C LEU A 312 13.11 27.04 10.33
N GLY A 313 13.99 27.97 10.72
CA GLY A 313 14.70 28.88 9.81
C GLY A 313 13.76 29.97 9.35
N TRP A 314 13.58 30.10 8.03
CA TRP A 314 12.60 31.06 7.52
C TRP A 314 11.25 30.38 7.26
N HIS A 315 11.16 29.08 7.59
CA HIS A 315 9.91 28.32 7.47
C HIS A 315 9.22 28.28 8.85
N THR A 316 7.90 28.55 8.88
CA THR A 316 7.10 28.52 10.10
C THR A 316 6.03 27.42 10.06
N ILE A 317 6.07 26.57 11.09
CA ILE A 317 5.22 25.38 11.27
C ILE A 317 4.03 25.70 12.13
N ARG A 318 2.86 25.20 11.73
CA ARG A 318 1.62 25.40 12.49
C ARG A 318 0.88 24.09 12.76
N ASP A 319 0.19 24.06 13.89
CA ASP A 319 -0.72 22.99 14.30
C ASP A 319 -2.15 23.49 14.00
N THR A 320 -3.13 22.57 13.96
CA THR A 320 -4.55 22.88 13.70
C THR A 320 -5.09 23.78 14.80
N HIS A 321 -4.60 23.58 16.04
CA HIS A 321 -4.95 24.36 17.24
C HIS A 321 -3.73 24.45 18.18
N ASN A 322 -3.80 25.33 19.20
CA ASN A 322 -2.78 25.45 20.23
C ASN A 322 -3.07 24.26 21.15
N TYR A 323 -2.26 23.18 21.06
CA TYR A 323 -2.47 21.96 21.86
C TYR A 323 -1.67 21.99 23.14
N GLY A 324 -0.96 23.10 23.37
CA GLY A 324 -0.12 23.34 24.53
C GLY A 324 0.92 22.27 24.77
N ALA A 325 1.04 21.84 26.03
CA ALA A 325 1.97 20.78 26.43
C ALA A 325 1.32 19.43 26.09
N LEU A 326 2.01 18.61 25.29
CA LEU A 326 1.56 17.29 24.85
C LEU A 326 2.54 16.19 25.25
N THR A 327 2.01 15.00 25.53
CA THR A 327 2.84 13.82 25.76
C THR A 327 3.20 13.26 24.37
N LEU A 328 4.10 12.26 24.28
CA LEU A 328 4.43 11.64 22.99
C LEU A 328 3.19 11.03 22.39
N THR A 329 2.32 10.47 23.24
CA THR A 329 1.04 9.93 22.77
C THR A 329 0.15 11.03 22.16
N GLY A 330 0.16 12.23 22.77
CA GLY A 330 -0.59 13.42 22.34
C GLY A 330 -0.13 13.98 21.00
N ILE A 331 1.16 13.82 20.67
CA ILE A 331 1.76 14.23 19.41
C ILE A 331 1.07 13.44 18.28
N ILE A 332 0.85 12.15 18.51
CA ILE A 332 0.19 11.21 17.58
C ILE A 332 -1.32 11.46 17.50
N VAL A 333 -1.99 11.53 18.65
CA VAL A 333 -3.44 11.68 18.77
C VAL A 333 -3.94 13.00 18.21
N LYS A 334 -3.23 14.09 18.53
CA LYS A 334 -3.58 15.42 18.03
C LYS A 334 -2.90 15.70 16.70
N SER A 335 -1.95 14.83 16.27
CA SER A 335 -1.20 15.00 15.02
C SER A 335 -0.46 16.38 14.96
N SER A 336 0.34 16.66 16.01
CA SER A 336 1.10 17.89 16.14
C SER A 336 2.34 17.88 15.22
N ASN A 337 2.47 18.91 14.36
CA ASN A 337 3.61 19.09 13.47
C ASN A 337 4.72 19.73 14.29
N VAL A 338 4.32 20.49 15.32
CA VAL A 338 5.21 21.23 16.20
C VAL A 338 5.90 20.26 17.13
N GLY A 339 5.12 19.36 17.74
CA GLY A 339 5.65 18.34 18.61
C GLY A 339 6.63 17.44 17.88
N SER A 340 6.29 17.07 16.63
CA SER A 340 7.08 16.20 15.78
C SER A 340 8.43 16.81 15.44
N ALA A 341 8.43 18.08 15.00
CA ALA A 341 9.64 18.83 14.67
C ALA A 341 10.55 18.97 15.90
N LYS A 342 9.98 19.29 17.08
CA LYS A 342 10.71 19.42 18.34
C LYS A 342 11.40 18.11 18.74
N LEU A 343 10.75 16.95 18.49
CA LEU A 343 11.37 15.63 18.75
C LEU A 343 12.63 15.48 17.90
N ALA A 344 12.53 15.82 16.58
CA ALA A 344 13.63 15.77 15.62
C ALA A 344 14.79 16.59 16.10
N LEU A 345 14.50 17.82 16.58
CA LEU A 345 15.51 18.76 17.08
C LEU A 345 16.31 18.30 18.30
N SER A 346 15.65 17.55 19.20
CA SER A 346 16.23 17.03 20.44
C SER A 346 17.10 15.78 20.25
N LEU A 347 16.81 15.01 19.21
CA LEU A 347 17.49 13.76 18.90
C LEU A 347 18.79 13.98 18.13
N PRO A 348 19.71 12.96 18.13
CA PRO A 348 20.92 13.06 17.27
C PRO A 348 20.52 13.22 15.80
N LYS A 349 21.32 13.97 15.03
CA LYS A 349 21.13 14.30 13.61
C LYS A 349 20.79 13.07 12.74
N GLU A 350 21.46 11.95 13.02
CA GLU A 350 21.28 10.69 12.28
C GLU A 350 19.96 10.00 12.58
N ALA A 351 19.36 10.22 13.78
CA ALA A 351 18.14 9.56 14.24
C ALA A 351 17.05 9.16 13.22
N LEU A 352 16.42 10.15 12.60
CA LEU A 352 15.32 9.91 11.65
C LEU A 352 15.70 9.26 10.33
N PRO A 353 16.67 9.77 9.51
CA PRO A 353 16.99 9.09 8.24
C PRO A 353 17.44 7.65 8.46
N SER A 354 18.07 7.36 9.61
CA SER A 354 18.57 6.04 9.97
C SER A 354 17.43 5.15 10.44
N PHE A 355 16.48 5.67 11.27
CA PHE A 355 15.36 4.82 11.65
C PHE A 355 14.43 4.57 10.44
N PHE A 356 14.22 5.59 9.60
CA PHE A 356 13.38 5.50 8.39
C PHE A 356 13.93 4.51 7.36
N ARG A 357 15.26 4.37 7.28
CA ARG A 357 15.96 3.43 6.40
C ARG A 357 15.74 2.00 6.90
N ARG A 358 15.84 1.76 8.23
CA ARG A 358 15.64 0.44 8.82
C ARG A 358 14.16 0.00 8.70
N ALA A 359 13.22 0.97 8.70
CA ALA A 359 11.78 0.79 8.56
C ALA A 359 11.35 0.48 7.11
N GLY A 360 12.26 0.67 6.14
CA GLY A 360 12.02 0.34 4.74
C GLY A 360 11.90 1.45 3.71
N PHE A 361 11.87 2.70 4.18
CA PHE A 361 11.78 3.90 3.35
C PHE A 361 13.08 4.18 2.57
N GLY A 362 12.95 4.65 1.34
CA GLY A 362 14.06 5.00 0.46
C GLY A 362 14.52 3.83 -0.40
N GLN A 363 13.80 2.72 -0.30
CA GLN A 363 14.07 1.48 -1.03
C GLN A 363 12.76 0.80 -1.42
N SER A 364 12.72 0.19 -2.62
CA SER A 364 11.55 -0.56 -3.11
C SER A 364 11.40 -1.80 -2.21
N SER A 365 10.18 -2.36 -2.12
CA SER A 365 9.83 -3.51 -1.30
C SER A 365 10.29 -4.84 -1.91
N ASP A 366 10.09 -5.98 -1.20
CA ASP A 366 10.46 -7.34 -1.63
C ASP A 366 9.66 -7.86 -2.82
N VAL A 367 8.52 -7.22 -3.12
CA VAL A 367 7.68 -7.57 -4.24
C VAL A 367 8.46 -7.32 -5.55
N LYS A 368 9.21 -6.20 -5.61
CA LYS A 368 10.00 -5.76 -6.77
C LYS A 368 9.12 -5.76 -8.03
N PHE A 369 7.92 -5.15 -7.93
CA PHE A 369 6.94 -5.05 -9.02
C PHE A 369 7.58 -4.29 -10.20
N PRO A 370 7.30 -4.63 -11.48
CA PRO A 370 7.93 -3.85 -12.58
C PRO A 370 7.56 -2.36 -12.49
N GLY A 371 8.59 -1.50 -12.50
CA GLY A 371 8.42 -0.05 -12.43
C GLY A 371 8.22 0.53 -11.05
N GLU A 372 8.37 -0.31 -10.00
CA GLU A 372 8.21 0.07 -8.58
C GLU A 372 9.16 1.20 -8.16
N SER A 373 8.62 2.18 -7.48
CA SER A 373 9.34 3.34 -6.98
C SER A 373 10.01 3.00 -5.64
N ALA A 374 11.21 3.55 -5.42
CA ALA A 374 11.94 3.35 -4.19
C ALA A 374 11.69 4.49 -3.21
N GLY A 375 10.90 5.49 -3.63
CA GLY A 375 10.66 6.67 -2.82
C GLY A 375 11.92 7.52 -2.79
N LEU A 376 11.97 8.50 -1.89
CA LEU A 376 13.12 9.37 -1.70
C LEU A 376 13.39 9.53 -0.21
N LEU A 377 14.62 9.26 0.22
CA LEU A 377 15.04 9.39 1.61
C LEU A 377 16.51 9.79 1.63
N TYR A 378 16.80 10.95 2.18
CA TYR A 378 18.17 11.45 2.27
C TYR A 378 18.84 11.11 3.59
N SER A 379 20.18 11.03 3.58
CA SER A 379 20.95 10.75 4.79
C SER A 379 21.25 12.05 5.53
N ALA A 380 21.56 11.96 6.83
CA ALA A 380 21.85 13.09 7.70
C ALA A 380 23.00 13.98 7.20
N ASP A 381 23.90 13.44 6.34
CA ASP A 381 25.01 14.22 5.76
C ASP A 381 24.48 15.22 4.73
N LYS A 382 23.34 14.91 4.07
CA LYS A 382 22.66 15.81 3.13
C LYS A 382 21.97 16.95 3.90
N LEU A 383 22.42 17.10 5.16
CA LEU A 383 22.26 18.10 6.22
C LEU A 383 20.92 18.73 6.53
N ASN A 384 21.00 19.77 7.39
CA ASN A 384 20.02 20.72 7.86
C ASN A 384 19.02 20.24 8.90
N SER A 385 19.07 20.90 10.08
CA SER A 385 18.21 20.66 11.25
C SER A 385 16.74 20.96 10.91
N SER A 386 16.51 22.04 10.13
CA SER A 386 15.15 22.45 9.75
C SER A 386 14.57 21.52 8.69
N GLN A 387 15.43 20.89 7.86
CA GLN A 387 15.01 19.86 6.89
C GLN A 387 14.70 18.56 7.65
N LEU A 388 15.47 18.29 8.70
CA LEU A 388 15.25 17.13 9.57
C LEU A 388 14.01 17.37 10.41
N GLY A 389 13.72 18.64 10.69
CA GLY A 389 12.52 19.05 11.40
C GLY A 389 11.30 18.80 10.54
N THR A 390 11.43 19.01 9.21
CA THR A 390 10.33 18.77 8.25
C THR A 390 10.05 17.32 8.01
N MET A 391 11.10 16.43 8.03
CA MET A 391 10.95 14.96 7.84
C MET A 391 10.09 14.35 8.94
N ALA A 392 10.23 14.86 10.17
CA ALA A 392 9.50 14.47 11.37
C ALA A 392 7.95 14.46 11.17
N TYR A 393 7.41 15.39 10.35
CA TYR A 393 5.97 15.44 10.07
C TYR A 393 5.66 15.02 8.63
N GLY A 394 6.59 14.28 8.02
CA GLY A 394 6.49 13.66 6.71
C GLY A 394 6.64 14.52 5.46
N TYR A 395 7.54 15.52 5.44
CA TYR A 395 7.66 16.33 4.24
C TYR A 395 8.93 16.32 3.38
N GLY A 396 10.12 16.25 3.94
CA GLY A 396 11.29 16.27 3.06
C GLY A 396 11.70 14.90 2.52
N LEU A 397 10.70 14.02 2.27
CA LEU A 397 10.83 12.64 1.81
C LEU A 397 9.57 12.16 1.04
N ASN A 398 9.77 11.17 0.15
CA ASN A 398 8.73 10.55 -0.67
C ASN A 398 8.60 9.06 -0.32
N ALA A 399 7.35 8.56 -0.25
CA ALA A 399 7.06 7.16 0.07
C ALA A 399 6.02 6.54 -0.87
N THR A 400 5.92 5.20 -0.85
CA THR A 400 4.90 4.49 -1.61
C THR A 400 3.95 3.85 -0.61
N ILE A 401 2.78 3.46 -1.09
CA ILE A 401 1.74 2.78 -0.32
C ILE A 401 2.31 1.42 0.21
N LEU A 402 3.24 0.80 -0.53
CA LEU A 402 3.89 -0.46 -0.17
C LEU A 402 4.82 -0.31 1.06
N GLN A 403 5.65 0.76 1.08
CA GLN A 403 6.55 1.12 2.16
C GLN A 403 5.74 1.54 3.38
N LEU A 404 4.60 2.17 3.14
CA LEU A 404 3.68 2.60 4.20
C LEU A 404 3.01 1.39 4.83
N ALA A 405 2.49 0.46 3.99
CA ALA A 405 1.84 -0.79 4.42
C ALA A 405 2.78 -1.67 5.20
N GLN A 406 4.05 -1.76 4.76
CA GLN A 406 5.04 -2.60 5.44
C GLN A 406 5.47 -2.04 6.80
N GLY A 407 5.51 -0.71 6.92
CA GLY A 407 5.85 0.01 8.15
C GLY A 407 4.77 -0.10 9.21
N TYR A 408 3.50 0.02 8.79
CA TYR A 408 2.35 -0.16 9.70
C TYR A 408 2.17 -1.65 10.11
N ALA A 409 2.37 -2.59 9.16
CA ALA A 409 2.34 -4.05 9.42
C ALA A 409 3.37 -4.42 10.50
N MET A 410 4.56 -3.73 10.47
CA MET A 410 5.65 -3.87 11.43
C MET A 410 5.18 -3.39 12.81
N LEU A 411 4.64 -2.17 12.88
CA LEU A 411 4.11 -1.54 14.10
C LEU A 411 3.03 -2.40 14.78
N ALA A 412 2.21 -3.15 13.98
CA ALA A 412 1.14 -4.05 14.44
C ALA A 412 1.58 -5.54 14.62
N ASN A 413 2.85 -5.88 14.26
CA ASN A 413 3.37 -7.24 14.40
C ASN A 413 4.54 -7.29 15.39
N HIS A 414 4.41 -6.61 16.53
CA HIS A 414 5.43 -6.54 17.59
C HIS A 414 6.83 -6.14 17.09
N GLY A 415 6.86 -5.21 16.13
CA GLY A 415 8.08 -4.67 15.56
C GLY A 415 8.78 -5.59 14.58
N VAL A 416 8.05 -6.62 14.08
CA VAL A 416 8.54 -7.60 13.11
C VAL A 416 7.92 -7.32 11.74
N GLU A 417 8.74 -6.79 10.82
CA GLU A 417 8.34 -6.51 9.44
C GLU A 417 8.45 -7.78 8.57
N MET A 418 7.31 -8.38 8.24
CA MET A 418 7.21 -9.55 7.37
C MET A 418 7.41 -9.12 5.91
N PRO A 419 8.22 -9.87 5.13
CA PRO A 419 8.48 -9.49 3.73
C PRO A 419 7.22 -9.42 2.89
N LEU A 420 7.02 -8.32 2.16
CA LEU A 420 5.85 -8.15 1.29
C LEU A 420 5.89 -9.18 0.15
N SER A 421 4.74 -9.84 -0.14
CA SER A 421 4.69 -10.86 -1.19
C SER A 421 3.37 -10.91 -1.94
N LEU A 422 3.45 -11.04 -3.29
CA LEU A 422 2.27 -11.22 -4.16
C LEU A 422 2.00 -12.72 -4.40
N HIS A 423 2.87 -13.60 -3.90
CA HIS A 423 2.74 -15.06 -4.04
C HIS A 423 2.27 -15.68 -2.74
N LYS A 424 1.45 -16.74 -2.83
CA LYS A 424 1.01 -17.49 -1.66
C LYS A 424 2.25 -18.17 -1.10
N LEU A 425 2.40 -18.18 0.20
CA LEU A 425 3.56 -18.78 0.86
C LEU A 425 3.50 -20.29 0.98
N ASP A 426 4.67 -20.92 0.88
CA ASP A 426 4.92 -22.33 1.16
C ASP A 426 6.06 -22.53 2.16
N GLN A 427 6.40 -21.45 2.83
CA GLN A 427 7.34 -21.30 3.95
C GLN A 427 6.85 -20.05 4.67
N VAL A 428 7.06 -19.97 5.97
CA VAL A 428 6.69 -18.80 6.76
C VAL A 428 8.03 -18.08 7.08
N PRO A 429 8.31 -16.88 6.52
CA PRO A 429 9.57 -16.19 6.86
C PRO A 429 9.68 -15.80 8.34
N GLU A 430 10.92 -15.61 8.83
CA GLU A 430 11.12 -15.16 10.20
C GLU A 430 10.85 -13.65 10.36
N GLY A 431 10.89 -12.91 9.25
CA GLY A 431 10.70 -11.46 9.23
C GLY A 431 11.91 -10.67 9.70
N ARG A 432 11.82 -9.32 9.59
CA ARG A 432 12.86 -8.38 10.00
C ARG A 432 12.49 -7.74 11.34
N GLN A 433 13.36 -7.86 12.36
CA GLN A 433 13.15 -7.23 13.67
C GLN A 433 13.68 -5.79 13.58
N VAL A 434 12.80 -4.88 13.18
CA VAL A 434 13.14 -3.46 12.99
C VAL A 434 13.06 -2.66 14.29
N LEU A 435 12.09 -2.98 15.13
CA LEU A 435 11.86 -2.30 16.39
C LEU A 435 11.71 -3.28 17.52
N ASP A 436 12.08 -2.84 18.73
CA ASP A 436 11.86 -3.60 19.95
C ASP A 436 10.31 -3.83 20.16
N PRO A 437 9.86 -5.05 20.58
CA PRO A 437 8.40 -5.31 20.77
C PRO A 437 7.63 -4.37 21.68
N LYS A 438 8.27 -3.85 22.77
CA LYS A 438 7.69 -2.91 23.74
C LYS A 438 7.40 -1.54 23.11
N ILE A 439 8.32 -1.07 22.24
CA ILE A 439 8.21 0.20 21.53
C ILE A 439 7.08 0.10 20.51
N ALA A 440 7.08 -0.96 19.69
CA ALA A 440 6.05 -1.19 18.66
C ALA A 440 4.66 -1.22 19.29
N ASP A 441 4.50 -1.98 20.41
CA ASP A 441 3.24 -2.08 21.16
C ASP A 441 2.79 -0.71 21.69
N GLN A 442 3.74 0.12 22.18
CA GLN A 442 3.47 1.46 22.69
C GLN A 442 2.90 2.34 21.59
N VAL A 443 3.55 2.34 20.41
CA VAL A 443 3.15 3.10 19.24
C VAL A 443 1.77 2.62 18.74
N LEU A 444 1.56 1.28 18.81
CA LEU A 444 0.30 0.64 18.45
C LEU A 444 -0.81 1.24 19.33
N MET A 445 -0.56 1.33 20.65
CA MET A 445 -1.53 1.86 21.59
C MET A 445 -1.91 3.31 21.29
N MET A 446 -0.91 4.15 20.89
CA MET A 446 -1.06 5.57 20.50
C MET A 446 -1.91 5.69 19.23
N LEU A 447 -1.79 4.74 18.31
CA LEU A 447 -2.57 4.71 17.06
C LEU A 447 -4.04 4.39 17.34
N GLU A 448 -4.35 3.49 18.29
CA GLU A 448 -5.73 3.24 18.67
C GLU A 448 -6.43 4.51 19.17
N GLN A 449 -5.74 5.30 20.02
CA GLN A 449 -6.22 6.55 20.62
C GLN A 449 -6.57 7.66 19.60
N VAL A 450 -5.87 7.69 18.44
CA VAL A 450 -6.14 8.63 17.34
C VAL A 450 -7.64 8.51 16.86
N THR A 451 -8.21 7.29 16.90
CA THR A 451 -9.59 6.99 16.46
C THR A 451 -10.65 7.30 17.52
N LEU A 452 -10.23 7.50 18.79
CA LEU A 452 -11.14 7.73 19.94
C LEU A 452 -11.50 9.21 20.21
N PRO A 453 -12.59 9.53 20.96
CA PRO A 453 -12.92 10.95 21.22
C PRO A 453 -11.72 11.74 21.74
N GLY A 454 -11.44 12.86 21.08
CA GLY A 454 -10.29 13.72 21.33
C GLY A 454 -9.26 13.58 20.22
N GLY A 455 -9.43 12.53 19.42
CA GLY A 455 -8.56 12.17 18.31
C GLY A 455 -8.90 12.84 16.99
N THR A 456 -8.01 12.65 15.99
CA THR A 456 -8.06 13.24 14.65
C THR A 456 -8.41 12.23 13.54
N ALA A 457 -8.65 10.95 13.91
CA ALA A 457 -9.03 9.93 12.93
C ALA A 457 -10.33 9.19 13.38
N LYS A 458 -11.27 9.94 14.00
CA LYS A 458 -12.56 9.41 14.50
C LYS A 458 -13.43 8.70 13.45
N GLN A 459 -13.38 9.15 12.18
CA GLN A 459 -14.16 8.51 11.11
C GLN A 459 -13.61 7.17 10.60
N ALA A 460 -12.51 6.67 11.19
CA ALA A 460 -11.91 5.38 10.84
C ALA A 460 -12.51 4.29 11.71
N VAL A 461 -13.31 4.70 12.73
CA VAL A 461 -13.96 3.82 13.68
C VAL A 461 -14.88 2.79 13.03
N ILE A 462 -14.77 1.52 13.50
CA ILE A 462 -15.54 0.35 13.04
C ILE A 462 -16.21 -0.29 14.25
N PRO A 463 -17.54 -0.52 14.25
CA PRO A 463 -18.16 -1.21 15.40
C PRO A 463 -17.66 -2.65 15.50
N GLY A 464 -17.42 -3.10 16.73
CA GLY A 464 -16.94 -4.45 17.01
C GLY A 464 -15.45 -4.68 16.87
N TYR A 465 -14.72 -3.74 16.24
CA TYR A 465 -13.28 -3.86 16.01
C TYR A 465 -12.53 -2.65 16.46
N ARG A 466 -11.54 -2.88 17.33
CA ARG A 466 -10.63 -1.85 17.82
C ARG A 466 -9.69 -1.48 16.67
N VAL A 467 -9.66 -0.18 16.30
CA VAL A 467 -8.88 0.30 15.15
C VAL A 467 -7.80 1.30 15.57
N GLY A 468 -6.66 1.22 14.90
CA GLY A 468 -5.52 2.06 15.18
C GLY A 468 -5.00 2.59 13.88
N GLY A 469 -4.94 3.90 13.75
CA GLY A 469 -4.46 4.46 12.49
C GLY A 469 -4.13 5.92 12.49
N LYS A 470 -3.73 6.41 11.31
CA LYS A 470 -3.31 7.80 11.16
C LYS A 470 -3.71 8.39 9.81
N THR A 471 -4.21 9.64 9.83
CA THR A 471 -4.54 10.36 8.60
C THR A 471 -3.31 11.14 8.15
N GLY A 472 -3.28 11.51 6.89
CA GLY A 472 -2.20 12.30 6.31
C GLY A 472 -2.70 13.08 5.11
N THR A 473 -1.96 14.10 4.72
CA THR A 473 -2.28 14.89 3.53
C THR A 473 -0.96 15.12 2.79
N ALA A 474 -0.94 14.87 1.48
CA ALA A 474 0.26 15.07 0.66
C ALA A 474 -0.08 16.15 -0.36
N HIS A 475 0.36 17.39 -0.08
CA HIS A 475 0.12 18.57 -0.90
C HIS A 475 1.16 18.83 -2.00
N LYS A 476 0.69 19.14 -3.22
CA LYS A 476 1.57 19.49 -4.34
C LYS A 476 2.13 20.92 -4.14
N LEU A 477 3.44 21.08 -4.43
CA LEU A 477 4.24 22.30 -4.29
C LEU A 477 3.66 23.59 -4.90
N ARG A 478 2.82 23.48 -5.98
CA ARG A 478 2.17 24.60 -6.71
C ARG A 478 3.09 25.25 -7.74
N ALA A 479 2.57 25.45 -8.98
CA ALA A 479 3.30 25.99 -10.12
C ALA A 479 3.87 27.40 -9.95
N ASP A 480 3.07 28.36 -9.44
CA ASP A 480 3.54 29.72 -9.23
C ASP A 480 4.38 29.90 -7.95
N ARG A 481 4.74 28.78 -7.30
CA ARG A 481 5.53 28.66 -6.06
C ARG A 481 5.00 29.51 -4.87
N LYS A 482 3.72 30.00 -4.95
CA LYS A 482 3.03 30.83 -3.96
C LYS A 482 2.37 29.95 -2.89
N GLY A 483 3.20 29.15 -2.22
CA GLY A 483 2.76 28.23 -1.18
C GLY A 483 2.26 26.92 -1.73
N TYR A 484 1.61 26.14 -0.88
CA TYR A 484 1.08 24.82 -1.23
C TYR A 484 -0.31 24.87 -1.86
N SER A 485 -0.55 23.98 -2.83
CA SER A 485 -1.82 23.90 -3.54
C SER A 485 -2.93 23.39 -2.65
N ASN A 486 -4.10 24.05 -2.74
CA ASN A 486 -5.29 23.69 -1.97
C ASN A 486 -6.13 22.63 -2.68
N SER A 487 -5.99 22.54 -4.02
CA SER A 487 -6.73 21.59 -4.85
C SER A 487 -5.96 20.29 -5.09
N GLU A 488 -4.70 20.38 -5.56
CA GLU A 488 -3.87 19.23 -5.84
C GLU A 488 -3.26 18.65 -4.57
N TYR A 489 -3.80 17.51 -4.11
CA TYR A 489 -3.33 16.78 -2.93
C TYR A 489 -3.90 15.35 -2.85
N ARG A 490 -3.15 14.48 -2.12
CA ARG A 490 -3.53 13.09 -1.80
C ARG A 490 -4.05 13.01 -0.36
N ALA A 491 -5.25 12.42 -0.18
CA ALA A 491 -5.80 12.18 1.15
C ALA A 491 -5.29 10.80 1.51
N LEU A 492 -4.63 10.67 2.64
CA LEU A 492 -4.06 9.40 3.05
C LEU A 492 -4.63 8.91 4.35
N PHE A 493 -4.74 7.58 4.44
CA PHE A 493 -5.12 6.89 5.66
C PHE A 493 -4.37 5.57 5.79
N ALA A 494 -3.62 5.45 6.89
CA ALA A 494 -2.84 4.26 7.22
C ALA A 494 -3.40 3.71 8.50
N GLY A 495 -3.86 2.46 8.47
CA GLY A 495 -4.48 1.86 9.64
C GLY A 495 -4.26 0.38 9.84
N VAL A 496 -4.61 -0.07 11.04
CA VAL A 496 -4.42 -1.43 11.50
C VAL A 496 -5.64 -1.93 12.33
N ALA A 497 -5.95 -3.24 12.23
CA ALA A 497 -7.06 -3.86 12.98
C ALA A 497 -7.01 -5.42 13.03
N PRO A 498 -7.61 -6.06 14.08
CA PRO A 498 -8.14 -5.46 15.31
C PRO A 498 -6.96 -5.12 16.23
N VAL A 499 -7.01 -4.02 16.96
CA VAL A 499 -5.90 -3.55 17.81
C VAL A 499 -5.34 -4.53 18.88
N SER A 500 -6.19 -5.42 19.43
CA SER A 500 -5.80 -6.39 20.46
C SER A 500 -4.89 -7.51 19.95
N ASP A 501 -5.05 -7.88 18.67
CA ASP A 501 -4.27 -8.90 17.95
C ASP A 501 -4.41 -8.60 16.44
N PRO A 502 -3.61 -7.62 15.92
CA PRO A 502 -3.81 -7.18 14.53
C PRO A 502 -3.63 -8.18 13.41
N ARG A 503 -4.60 -8.20 12.50
CA ARG A 503 -4.63 -9.11 11.36
C ARG A 503 -4.33 -8.42 10.04
N LEU A 504 -4.76 -7.14 9.89
CA LEU A 504 -4.58 -6.41 8.63
C LEU A 504 -4.04 -5.00 8.76
N ALA A 505 -3.12 -4.66 7.87
CA ALA A 505 -2.56 -3.33 7.70
C ALA A 505 -3.20 -2.87 6.39
N MET A 506 -3.66 -1.64 6.35
CA MET A 506 -4.33 -1.10 5.19
C MET A 506 -4.01 0.37 4.98
N ILE A 507 -3.63 0.74 3.74
CA ILE A 507 -3.37 2.12 3.31
C ILE A 507 -4.37 2.49 2.23
N VAL A 508 -5.02 3.65 2.37
CA VAL A 508 -5.97 4.22 1.41
C VAL A 508 -5.42 5.58 0.97
N VAL A 509 -5.36 5.81 -0.35
CA VAL A 509 -4.88 7.04 -0.96
C VAL A 509 -5.93 7.54 -1.95
N VAL A 510 -6.45 8.75 -1.73
CA VAL A 510 -7.41 9.38 -2.63
C VAL A 510 -6.74 10.59 -3.26
N GLU A 511 -6.66 10.62 -4.61
CA GLU A 511 -6.01 11.68 -5.36
C GLU A 511 -6.96 12.82 -5.79
N ASN A 512 -6.62 14.06 -5.42
CA ASN A 512 -7.38 15.29 -5.76
C ASN A 512 -8.87 15.17 -5.41
N PRO A 513 -9.23 14.87 -4.13
CA PRO A 513 -10.66 14.76 -3.81
C PRO A 513 -11.35 16.11 -3.72
N GLN A 514 -12.66 16.11 -3.96
CA GLN A 514 -13.55 17.27 -3.86
C GLN A 514 -14.79 16.84 -3.08
N GLY A 515 -14.58 16.38 -1.85
CA GLY A 515 -15.66 15.86 -1.03
C GLY A 515 -15.97 16.63 0.23
N ARG A 516 -16.56 15.90 1.21
CA ARG A 516 -17.07 16.39 2.50
C ARG A 516 -16.03 17.02 3.40
N TYR A 517 -14.82 16.46 3.42
CA TYR A 517 -13.73 16.94 4.26
C TYR A 517 -12.55 17.42 3.43
N TYR A 518 -11.89 18.44 3.95
CA TYR A 518 -10.66 18.92 3.35
C TYR A 518 -9.52 18.11 3.99
N GLY A 519 -8.64 17.54 3.16
CA GLY A 519 -7.52 16.75 3.64
C GLY A 519 -7.77 15.26 3.76
N GLY A 520 -6.90 14.61 4.53
CA GLY A 520 -6.87 13.17 4.76
C GLY A 520 -8.08 12.48 5.32
N LEU A 521 -8.96 13.23 6.02
CA LEU A 521 -10.17 12.71 6.63
C LEU A 521 -11.09 12.00 5.64
N VAL A 522 -11.03 12.41 4.36
CA VAL A 522 -11.78 11.82 3.26
C VAL A 522 -11.45 10.30 3.04
N ALA A 523 -10.19 9.91 3.27
CA ALA A 523 -9.73 8.52 3.12
C ALA A 523 -10.07 7.60 4.31
N ALA A 524 -10.34 8.19 5.50
CA ALA A 524 -10.72 7.49 6.74
C ALA A 524 -12.04 6.66 6.67
N PRO A 525 -13.21 7.14 6.17
CA PRO A 525 -14.40 6.26 6.11
C PRO A 525 -14.29 5.16 5.05
N VAL A 526 -13.45 5.38 4.02
CA VAL A 526 -13.13 4.43 2.96
C VAL A 526 -12.44 3.21 3.62
N PHE A 527 -11.43 3.44 4.45
CA PHE A 527 -10.70 2.44 5.25
C PHE A 527 -11.69 1.69 6.15
N ALA A 528 -12.52 2.42 6.94
CA ALA A 528 -13.56 1.83 7.80
C ALA A 528 -14.37 0.77 7.01
N LYS A 529 -14.84 1.17 5.80
CA LYS A 529 -15.63 0.30 4.93
C LYS A 529 -14.92 -0.96 4.49
N ILE A 530 -13.73 -0.82 3.90
CA ILE A 530 -12.93 -1.94 3.42
C ILE A 530 -12.46 -2.83 4.56
N MET A 531 -11.85 -2.24 5.63
CA MET A 531 -11.37 -3.00 6.79
C MET A 531 -12.46 -3.87 7.43
N GLN A 532 -13.65 -3.30 7.68
CA GLN A 532 -14.77 -4.03 8.31
C GLN A 532 -15.20 -5.25 7.50
N GLU A 533 -15.46 -5.06 6.20
CA GLU A 533 -15.84 -6.12 5.29
C GLU A 533 -14.75 -7.16 5.07
N SER A 534 -13.49 -6.73 5.08
CA SER A 534 -12.32 -7.60 4.91
C SER A 534 -12.12 -8.46 6.13
N LEU A 535 -12.31 -7.91 7.35
CA LEU A 535 -12.15 -8.66 8.61
C LEU A 535 -13.28 -9.68 8.76
N ARG A 536 -14.50 -9.32 8.32
CA ARG A 536 -15.62 -10.23 8.42
C ARG A 536 -15.48 -11.38 7.43
N LEU A 537 -14.99 -11.10 6.22
CA LEU A 537 -14.81 -12.08 5.16
C LEU A 537 -13.77 -13.13 5.57
N LEU A 538 -12.74 -12.70 6.32
CA LEU A 538 -11.72 -13.57 6.90
C LEU A 538 -12.19 -14.17 8.24
N ASN A 539 -13.35 -13.72 8.73
CA ASN A 539 -13.99 -14.20 9.96
C ASN A 539 -13.12 -13.92 11.18
N VAL A 540 -12.61 -12.70 11.26
CA VAL A 540 -11.79 -12.26 12.38
C VAL A 540 -12.75 -12.00 13.56
N PRO A 541 -12.53 -12.66 14.73
CA PRO A 541 -13.45 -12.43 15.87
C PRO A 541 -13.42 -11.01 16.38
N LEU A 542 -14.58 -10.50 16.82
CA LEU A 542 -14.71 -9.13 17.36
C LEU A 542 -13.83 -8.91 18.59
N ASP A 543 -13.45 -7.66 18.86
CA ASP A 543 -12.60 -7.35 20.02
C ASP A 543 -13.03 -6.05 20.71
N LYS A 544 -14.17 -5.52 20.28
CA LYS A 544 -14.76 -4.30 20.83
C LYS A 544 -16.22 -4.56 21.25
N PRO A 545 -16.61 -4.20 22.49
CA PRO A 545 -18.01 -4.38 22.91
C PRO A 545 -18.95 -3.58 22.01
N LEU A 546 -20.09 -4.16 21.64
CA LEU A 546 -21.06 -3.46 20.81
C LEU A 546 -22.02 -2.66 21.70
N ASP A 547 -22.65 -1.60 21.14
CA ASP A 547 -23.63 -0.79 21.89
C ASP A 547 -24.85 -0.40 21.06
#